data_3SM8
#
_entry.id   3SM8
#
_cell.length_a   62.072
_cell.length_b   77.933
_cell.length_c   89.310
_cell.angle_alpha   90.00
_cell.angle_beta   90.00
_cell.angle_gamma   90.00
#
_symmetry.space_group_name_H-M   'P 21 21 21'
#
loop_
_entity.id
_entity.type
_entity.pdbx_description
1 polymer 'FAD-dependent catabolic D-arginine dehydrogenase, DauA'
2 non-polymer GLYCEROL
3 non-polymer '[(2R,3S,4R,5R)-5-(6-amino-9H-purin-9-yl)-3,4-dihydroxytetrahydrofuran-2-yl]methyl (2R,3S,4S)-5-[7,8-dimethyl-5-(3-methylbutanoyl)-2,4-dioxo-1,3,4,5-tetrahydrobenzo[g]pteridin-10(2H)-yl]-2,3,4-trihydroxypentyl dihydrogen diphosphate'
4 water water
#
_entity_poly.entity_id   1
_entity_poly.type   'polypeptide(L)'
_entity_poly.pdbx_seq_one_letter_code
;HHHHHHPIEADYLVIGAGIAGASTGYWLSAHGRVVVLEREAQPGYHSTGRSAAHYTVAYGTPQVRALTAASRAFFDNPPA
GFCEHPLLSPRPEMVVDFSDDPEELRRQYESGKALVPQMRLLDAEQACSIVPVLRRDKVFGATYDPTGADIDTDALHQGY
LRGIRRNQGQVLCNHEALEIRRVDGAWEVRCDAGSYRAAVLVNAAGAWCDAIAGLAGVRPLGLQPKRRSAFIFAPPPGID
CHDWPMLVSLDESFYLKPDAGMLLGSPANADPVEAHDVQPEQLDIATGMYLIEEATTLTIRRPEHTWAGLRSFVADGDLV
AGYAANAEGFFWVAAQGGYGIQTSAAMGEASAALIRHQPLPAHLREHGLDEAMLSPRRLSP
;
_entity_poly.pdbx_strand_id   A
#
# COMPACT_ATOMS: atom_id res chain seq x y z
N HIS A 1 32.18 17.26 17.39
CA HIS A 1 32.41 18.64 17.78
C HIS A 1 31.14 19.47 17.52
N HIS A 2 30.08 19.02 16.91
CA HIS A 2 28.84 19.80 16.84
C HIS A 2 27.87 19.33 17.93
N HIS A 3 27.10 20.26 18.43
CA HIS A 3 26.13 19.95 19.47
C HIS A 3 25.11 18.92 19.01
N HIS A 4 24.79 17.99 19.90
CA HIS A 4 23.61 17.16 19.74
C HIS A 4 22.85 17.12 21.08
N HIS A 5 21.54 16.92 20.99
CA HIS A 5 20.72 16.70 22.15
CA HIS A 5 20.80 16.75 22.22
C HIS A 5 21.16 15.44 22.87
N HIS A 6 20.92 15.31 24.15
CA HIS A 6 21.14 14.07 24.81
C HIS A 6 20.29 12.97 24.13
N PRO A 7 20.78 11.76 24.10
CA PRO A 7 20.05 10.66 23.44
C PRO A 7 18.71 10.44 24.07
N ILE A 8 17.74 10.05 23.25
CA ILE A 8 16.38 9.73 23.61
CA ILE A 8 16.40 9.72 23.73
C ILE A 8 16.22 8.21 23.68
N GLU A 9 15.75 7.66 24.80
CA GLU A 9 15.51 6.25 24.95
C GLU A 9 14.06 5.88 24.70
N ALA A 10 13.85 4.79 23.99
CA ALA A 10 12.54 4.28 23.68
C ALA A 10 12.54 2.77 23.66
N ASP A 11 11.39 2.17 23.36
CA ASP A 11 11.29 0.71 23.18
C ASP A 11 11.38 0.28 21.74
N TYR A 12 10.85 1.09 20.83
CA TYR A 12 10.84 0.79 19.40
C TYR A 12 11.06 2.09 18.65
N LEU A 13 12.06 2.12 17.77
CA LEU A 13 12.30 3.19 16.85
C LEU A 13 11.76 2.78 15.49
N VAL A 14 10.84 3.51 14.94
CA VAL A 14 10.23 3.19 13.66
C VAL A 14 10.79 4.16 12.62
N ILE A 15 11.48 3.65 11.62
CA ILE A 15 12.06 4.45 10.55
CA ILE A 15 12.04 4.50 10.59
C ILE A 15 11.06 4.51 9.42
N GLY A 16 10.48 5.69 9.20
CA GLY A 16 9.44 5.93 8.20
C GLY A 16 8.07 6.09 8.81
N ALA A 17 7.37 7.14 8.39
CA ALA A 17 6.05 7.45 8.89
C ALA A 17 4.96 7.33 7.82
N GLY A 18 5.22 6.57 6.76
CA GLY A 18 4.20 6.22 5.80
C GLY A 18 3.23 5.21 6.40
N ILE A 19 2.42 4.59 5.53
CA ILE A 19 1.40 3.68 6.06
C ILE A 19 2.02 2.54 6.84
N ALA A 20 3.18 2.05 6.42
CA ALA A 20 3.82 0.94 7.09
C ALA A 20 4.23 1.36 8.51
N GLY A 21 5.02 2.41 8.63
CA GLY A 21 5.49 2.82 9.94
C GLY A 21 4.37 3.28 10.85
N ALA A 22 3.39 4.01 10.27
CA ALA A 22 2.26 4.51 11.02
C ALA A 22 1.43 3.35 11.57
N SER A 23 1.12 2.34 10.76
CA SER A 23 0.29 1.25 11.18
C SER A 23 1.01 0.39 12.21
N THR A 24 2.27 0.07 11.99
CA THR A 24 3.01 -0.69 12.97
C THR A 24 3.12 0.11 14.27
N GLY A 25 3.48 1.38 14.17
CA GLY A 25 3.60 2.22 15.35
C GLY A 25 2.30 2.32 16.10
N TYR A 26 1.18 2.39 15.43
CA TYR A 26 -0.14 2.49 16.06
C TYR A 26 -0.30 1.28 16.96
N TRP A 27 -0.13 0.08 16.47
CA TRP A 27 -0.37 -1.14 17.28
C TRP A 27 0.72 -1.32 18.32
N LEU A 28 1.94 -0.81 18.15
CA LEU A 28 2.95 -0.88 19.18
C LEU A 28 2.68 0.10 20.32
N SER A 29 2.06 1.22 20.04
CA SER A 29 2.16 2.38 20.91
C SER A 29 1.49 2.18 22.28
N ALA A 30 0.51 1.30 22.38
CA ALA A 30 -0.11 1.06 23.71
C ALA A 30 0.80 0.28 24.62
N HIS A 31 1.89 -0.29 24.11
CA HIS A 31 2.66 -1.30 24.81
C HIS A 31 4.06 -0.81 25.25
N GLY A 32 4.51 0.26 24.70
CA GLY A 32 5.86 0.76 24.96
C GLY A 32 6.00 2.12 24.29
N ARG A 33 7.21 2.67 24.47
CA ARG A 33 7.58 3.99 23.98
C ARG A 33 7.95 3.86 22.53
N VAL A 34 7.11 4.43 21.64
CA VAL A 34 7.35 4.49 20.21
C VAL A 34 7.91 5.84 19.83
N VAL A 35 8.97 5.85 19.00
CA VAL A 35 9.42 7.08 18.32
C VAL A 35 9.46 6.72 16.84
N VAL A 36 8.72 7.43 16.04
CA VAL A 36 8.74 7.36 14.59
C VAL A 36 9.63 8.50 14.06
N LEU A 37 10.64 8.12 13.27
CA LEU A 37 11.60 9.02 12.68
C LEU A 37 11.35 9.08 11.18
N GLU A 38 10.94 10.25 10.69
CA GLU A 38 10.57 10.43 9.28
C GLU A 38 11.45 11.51 8.65
N ARG A 39 12.04 11.19 7.51
CA ARG A 39 12.91 12.13 6.79
C ARG A 39 12.23 13.39 6.32
N GLU A 40 11.07 13.28 5.73
CA GLU A 40 10.40 14.42 5.08
C GLU A 40 9.72 15.27 6.12
N ALA A 41 9.26 16.43 5.66
CA ALA A 41 8.54 17.37 6.53
C ALA A 41 7.14 16.91 6.81
N GLN A 42 6.59 15.97 6.02
CA GLN A 42 5.26 15.39 6.16
C GLN A 42 5.40 13.87 6.09
N PRO A 43 4.47 13.12 6.70
CA PRO A 43 4.60 11.64 6.72
C PRO A 43 4.16 10.83 5.46
N GLY A 44 3.39 11.49 4.61
CA GLY A 44 2.80 10.85 3.43
C GLY A 44 3.24 11.47 2.11
N TYR A 45 4.46 11.94 2.06
CA TYR A 45 4.99 12.56 0.84
C TYR A 45 5.34 11.52 -0.21
N HIS A 46 5.71 10.29 0.20
CA HIS A 46 6.11 9.24 -0.72
C HIS A 46 4.95 8.32 -1.04
N SER A 47 5.13 7.01 -1.01
CA SER A 47 4.13 6.16 -1.69
C SER A 47 2.75 6.26 -1.09
N THR A 48 2.68 6.48 0.24
CA THR A 48 1.39 6.51 0.91
C THR A 48 0.52 7.66 0.45
N GLY A 49 1.08 8.73 -0.07
CA GLY A 49 0.35 9.84 -0.62
C GLY A 49 0.08 9.79 -2.11
N ARG A 50 0.44 8.67 -2.73
CA ARG A 50 0.51 8.57 -4.20
C ARG A 50 -0.30 7.40 -4.75
N SER A 51 -1.09 6.73 -3.91
CA SER A 51 -1.78 5.51 -4.35
C SER A 51 -3.07 5.83 -5.08
N ALA A 52 -3.70 4.76 -5.58
CA ALA A 52 -5.04 4.87 -6.20
C ALA A 52 -6.12 4.83 -5.11
N ALA A 53 -5.71 4.71 -3.83
CA ALA A 53 -6.67 4.69 -2.75
C ALA A 53 -7.78 3.63 -2.92
N HIS A 54 -7.39 2.43 -3.30
CA HIS A 54 -8.41 1.37 -3.53
C HIS A 54 -8.11 0.14 -2.68
N TYR A 55 -9.18 -0.58 -2.39
CA TYR A 55 -9.23 -1.83 -1.67
C TYR A 55 -9.76 -2.91 -2.60
N THR A 56 -8.89 -3.86 -2.96
CA THR A 56 -9.18 -4.85 -3.97
C THR A 56 -8.75 -6.20 -3.40
N VAL A 57 -9.63 -7.09 -3.01
CA VAL A 57 -9.16 -8.33 -2.42
C VAL A 57 -8.48 -9.29 -3.38
N ALA A 58 -9.04 -9.42 -4.60
CA ALA A 58 -8.51 -10.43 -5.54
C ALA A 58 -7.36 -9.85 -6.35
N TYR A 59 -6.23 -9.64 -5.65
CA TYR A 59 -5.13 -8.86 -6.21
C TYR A 59 -3.86 -9.29 -5.50
N GLY A 60 -2.81 -9.52 -6.22
CA GLY A 60 -1.54 -9.96 -5.61
C GLY A 60 -1.49 -11.46 -5.36
N THR A 61 -0.46 -11.88 -4.64
CA THR A 61 -0.24 -13.29 -4.31
C THR A 61 -1.21 -13.75 -3.23
N PRO A 62 -1.28 -15.03 -2.96
CA PRO A 62 -2.12 -15.53 -1.85
C PRO A 62 -1.91 -14.86 -0.50
N GLN A 63 -0.61 -14.62 -0.12
CA GLN A 63 -0.36 -13.89 1.13
C GLN A 63 -0.96 -12.50 1.12
N VAL A 64 -0.83 -11.76 0.03
CA VAL A 64 -1.34 -10.42 -0.11
C VAL A 64 -2.84 -10.45 0.09
N ARG A 65 -3.48 -11.42 -0.58
CA ARG A 65 -4.94 -11.47 -0.49
C ARG A 65 -5.39 -11.73 0.93
N ALA A 66 -4.65 -12.62 1.65
CA ALA A 66 -4.97 -12.87 3.04
C ALA A 66 -4.82 -11.64 3.95
N LEU A 67 -3.74 -10.89 3.78
CA LEU A 67 -3.52 -9.65 4.53
C LEU A 67 -4.59 -8.64 4.23
N THR A 68 -5.01 -8.53 2.94
CA THR A 68 -6.04 -7.58 2.55
C THR A 68 -7.34 -7.97 3.16
N ALA A 69 -7.72 -9.26 3.01
CA ALA A 69 -8.99 -9.73 3.56
C ALA A 69 -9.05 -9.50 5.07
N ALA A 70 -7.94 -9.79 5.76
CA ALA A 70 -7.88 -9.65 7.20
C ALA A 70 -7.91 -8.22 7.68
N SER A 71 -7.66 -7.23 6.82
CA SER A 71 -7.68 -5.83 7.18
C SER A 71 -9.08 -5.22 7.16
N ARG A 72 -10.04 -5.85 6.48
CA ARG A 72 -11.32 -5.23 6.20
C ARG A 72 -12.04 -4.91 7.50
N ALA A 73 -11.94 -5.81 8.50
CA ALA A 73 -12.71 -5.59 9.71
C ALA A 73 -12.37 -4.25 10.38
N PHE A 74 -11.03 -3.98 10.45
CA PHE A 74 -10.61 -2.71 11.05
C PHE A 74 -11.10 -1.54 10.22
N PHE A 75 -10.96 -1.63 8.87
CA PHE A 75 -11.38 -0.51 8.05
C PHE A 75 -12.88 -0.23 8.14
N ASP A 76 -13.68 -1.29 8.26
CA ASP A 76 -15.12 -1.04 8.29
C ASP A 76 -15.55 -0.57 9.65
N ASN A 77 -14.90 -1.01 10.73
CA ASN A 77 -15.35 -0.63 12.07
CA ASN A 77 -15.31 -0.90 12.12
C ASN A 77 -14.12 -0.47 12.97
N PRO A 78 -13.44 0.63 12.77
CA PRO A 78 -12.26 0.96 13.56
C PRO A 78 -12.65 1.35 14.96
N PRO A 79 -11.70 1.35 15.90
CA PRO A 79 -12.02 1.68 17.30
C PRO A 79 -12.62 3.08 17.43
N ALA A 80 -13.50 3.23 18.46
CA ALA A 80 -14.09 4.55 18.74
C ALA A 80 -12.94 5.55 18.85
N GLY A 81 -13.14 6.71 18.23
CA GLY A 81 -12.19 7.77 18.32
C GLY A 81 -11.07 7.63 17.29
N PHE A 82 -11.03 6.60 16.42
CA PHE A 82 -9.90 6.49 15.49
C PHE A 82 -10.02 7.52 14.42
N CYS A 83 -11.27 7.75 13.92
CA CYS A 83 -11.49 8.73 12.87
C CYS A 83 -12.93 9.24 12.90
N GLU A 84 -13.21 10.30 12.16
CA GLU A 84 -14.47 11.01 12.24
C GLU A 84 -15.51 10.53 11.24
N HIS A 85 -15.04 9.99 10.13
CA HIS A 85 -15.90 9.50 9.03
C HIS A 85 -15.52 8.10 8.57
N PRO A 86 -16.38 7.43 7.82
CA PRO A 86 -16.05 6.09 7.32
C PRO A 86 -14.74 6.10 6.53
N LEU A 87 -13.95 5.06 6.73
CA LEU A 87 -12.68 4.88 6.04
C LEU A 87 -12.85 4.33 4.62
N LEU A 88 -13.90 3.54 4.41
CA LEU A 88 -14.19 2.96 3.09
C LEU A 88 -15.45 3.53 2.49
N SER A 89 -15.42 3.67 1.16
CA SER A 89 -16.53 4.09 0.32
CA SER A 89 -16.67 3.96 0.46
C SER A 89 -16.77 2.97 -0.69
N PRO A 90 -18.00 2.67 -1.08
CA PRO A 90 -18.21 1.58 -2.02
C PRO A 90 -17.62 1.88 -3.39
N ARG A 91 -16.85 0.93 -3.93
CA ARG A 91 -16.29 1.06 -5.26
C ARG A 91 -15.96 -0.33 -5.80
N PRO A 92 -16.96 -1.04 -6.31
CA PRO A 92 -16.73 -2.30 -7.00
C PRO A 92 -15.65 -2.19 -8.04
N GLU A 93 -15.03 -3.35 -8.31
CA GLU A 93 -14.00 -3.45 -9.33
C GLU A 93 -14.46 -4.32 -10.49
N MET A 94 -14.30 -3.81 -11.69
CA MET A 94 -14.61 -4.51 -12.92
C MET A 94 -13.32 -4.70 -13.70
N VAL A 95 -12.90 -5.96 -13.84
CA VAL A 95 -11.69 -6.32 -14.60
C VAL A 95 -12.14 -6.74 -15.97
N VAL A 96 -11.81 -6.00 -17.01
CA VAL A 96 -12.32 -6.22 -18.37
C VAL A 96 -11.24 -6.86 -19.22
N ASP A 97 -11.68 -7.92 -19.95
CA ASP A 97 -10.82 -8.56 -20.96
C ASP A 97 -10.85 -7.77 -22.25
N PHE A 98 -9.75 -7.04 -22.51
CA PHE A 98 -9.56 -6.33 -23.75
C PHE A 98 -8.68 -7.11 -24.73
N SER A 99 -8.23 -8.30 -24.36
CA SER A 99 -7.29 -9.11 -25.02
C SER A 99 -7.92 -10.29 -25.80
N ASP A 100 -9.13 -10.66 -25.51
CA ASP A 100 -9.79 -11.89 -25.97
C ASP A 100 -8.98 -13.09 -25.47
N ASP A 101 -8.99 -13.26 -24.16
CA ASP A 101 -8.24 -14.30 -23.45
C ASP A 101 -9.23 -14.95 -22.47
N PRO A 102 -10.18 -15.70 -23.02
CA PRO A 102 -11.23 -16.26 -22.14
C PRO A 102 -10.71 -17.25 -21.11
N GLU A 103 -9.61 -17.94 -21.43
CA GLU A 103 -9.01 -18.85 -20.44
C GLU A 103 -8.48 -18.07 -19.23
N GLU A 104 -7.83 -16.95 -19.47
CA GLU A 104 -7.35 -16.11 -18.37
C GLU A 104 -8.47 -15.48 -17.60
N LEU A 105 -9.48 -15.00 -18.32
CA LEU A 105 -10.62 -14.38 -17.64
C LEU A 105 -11.29 -15.40 -16.73
N ARG A 106 -11.50 -16.63 -17.25
CA ARG A 106 -12.11 -17.66 -16.39
C ARG A 106 -11.21 -18.00 -15.22
N ARG A 107 -9.88 -18.10 -15.42
CA ARG A 107 -8.97 -18.34 -14.29
C ARG A 107 -9.13 -17.27 -13.22
N GLN A 108 -9.18 -16.00 -13.61
CA GLN A 108 -9.23 -14.94 -12.63
C GLN A 108 -10.61 -14.99 -11.95
N TYR A 109 -11.67 -15.30 -12.68
CA TYR A 109 -12.97 -15.41 -12.07
C TYR A 109 -12.98 -16.50 -11.00
N GLU A 110 -12.50 -17.68 -11.35
CA GLU A 110 -12.54 -18.81 -10.38
C GLU A 110 -11.72 -18.51 -9.15
N SER A 111 -10.53 -17.95 -9.37
CA SER A 111 -9.62 -17.57 -8.30
C SER A 111 -10.28 -16.56 -7.40
N GLY A 112 -10.90 -15.58 -8.02
CA GLY A 112 -11.47 -14.48 -7.22
C GLY A 112 -12.72 -14.93 -6.48
N LYS A 113 -13.54 -15.77 -7.18
CA LYS A 113 -14.78 -16.26 -6.57
C LYS A 113 -14.47 -17.11 -5.36
N ALA A 114 -13.38 -17.85 -5.34
CA ALA A 114 -13.02 -18.66 -4.19
C ALA A 114 -12.78 -17.78 -2.97
N LEU A 115 -12.32 -16.55 -3.14
CA LEU A 115 -12.09 -15.59 -2.08
C LEU A 115 -13.28 -14.70 -1.78
N VAL A 116 -14.00 -14.34 -2.82
CA VAL A 116 -15.14 -13.40 -2.80
C VAL A 116 -16.33 -14.07 -3.40
N PRO A 117 -17.17 -14.69 -2.57
CA PRO A 117 -18.29 -15.43 -3.16
C PRO A 117 -19.19 -14.62 -4.07
N GLN A 118 -19.28 -13.30 -3.89
CA GLN A 118 -20.11 -12.46 -4.72
C GLN A 118 -19.48 -12.10 -6.06
N MET A 119 -18.25 -12.54 -6.34
N MET A 119 -18.25 -12.53 -6.32
CA MET A 119 -17.64 -12.20 -7.62
CA MET A 119 -17.64 -12.26 -7.62
C MET A 119 -18.48 -12.78 -8.75
C MET A 119 -18.49 -12.78 -8.75
N ARG A 120 -18.62 -12.00 -9.81
CA ARG A 120 -19.43 -12.39 -10.98
C ARG A 120 -18.57 -12.38 -12.24
N LEU A 121 -18.98 -13.24 -13.16
CA LEU A 121 -18.44 -13.29 -14.53
C LEU A 121 -19.44 -12.60 -15.44
N LEU A 122 -19.02 -11.55 -16.13
CA LEU A 122 -19.87 -10.76 -17.02
CA LEU A 122 -19.84 -10.74 -17.02
C LEU A 122 -19.54 -11.03 -18.48
N ASP A 123 -20.56 -10.96 -19.29
CA ASP A 123 -20.33 -10.93 -20.73
C ASP A 123 -20.03 -9.49 -21.16
N ALA A 124 -19.68 -9.33 -22.45
CA ALA A 124 -19.28 -8.01 -22.89
C ALA A 124 -20.39 -6.99 -22.76
N GLU A 125 -21.61 -7.38 -23.07
CA GLU A 125 -22.74 -6.46 -22.97
C GLU A 125 -22.92 -5.98 -21.51
N GLN A 126 -22.77 -6.91 -20.54
CA GLN A 126 -22.89 -6.47 -19.17
C GLN A 126 -21.82 -5.47 -18.77
N ALA A 127 -20.57 -5.70 -19.22
CA ALA A 127 -19.54 -4.74 -18.90
C ALA A 127 -19.83 -3.39 -19.46
N CYS A 128 -20.27 -3.35 -20.73
CA CYS A 128 -20.60 -2.10 -21.38
C CYS A 128 -21.83 -1.41 -20.79
N SER A 129 -22.75 -2.14 -20.18
CA SER A 129 -23.85 -1.46 -19.48
CA SER A 129 -23.85 -1.52 -19.44
C SER A 129 -23.35 -0.73 -18.24
N ILE A 130 -22.35 -1.27 -17.56
CA ILE A 130 -21.85 -0.68 -16.32
C ILE A 130 -20.97 0.53 -16.60
N VAL A 131 -20.09 0.46 -17.61
CA VAL A 131 -19.29 1.62 -18.02
C VAL A 131 -19.63 1.90 -19.47
N PRO A 132 -20.59 2.76 -19.76
CA PRO A 132 -21.15 2.81 -21.10
C PRO A 132 -20.28 3.50 -22.14
N VAL A 133 -19.17 4.08 -21.72
CA VAL A 133 -18.17 4.61 -22.67
C VAL A 133 -17.28 3.52 -23.21
N LEU A 134 -17.35 2.25 -22.72
CA LEU A 134 -16.55 1.21 -23.29
C LEU A 134 -16.89 1.02 -24.75
N ARG A 135 -15.85 0.74 -25.55
CA ARG A 135 -16.05 0.30 -26.95
C ARG A 135 -16.38 -1.15 -26.99
N ARG A 136 -17.59 -1.50 -27.39
CA ARG A 136 -18.04 -2.90 -27.38
C ARG A 136 -17.11 -3.78 -28.16
N ASP A 137 -16.56 -3.35 -29.30
CA ASP A 137 -15.66 -4.20 -30.07
C ASP A 137 -14.37 -4.55 -29.34
N LYS A 138 -14.00 -3.80 -28.34
CA LYS A 138 -12.79 -3.98 -27.62
C LYS A 138 -12.96 -4.87 -26.38
N VAL A 139 -14.18 -5.24 -26.05
CA VAL A 139 -14.52 -5.89 -24.78
C VAL A 139 -14.92 -7.34 -25.04
N PHE A 140 -14.32 -8.23 -24.26
CA PHE A 140 -14.61 -9.67 -24.44
C PHE A 140 -15.20 -10.32 -23.22
N GLY A 141 -15.48 -9.60 -22.18
CA GLY A 141 -16.00 -10.14 -20.92
C GLY A 141 -15.34 -9.41 -19.77
N ALA A 142 -15.75 -9.74 -18.54
CA ALA A 142 -15.19 -9.08 -17.38
C ALA A 142 -15.47 -9.90 -16.13
N THR A 143 -14.74 -9.63 -15.07
CA THR A 143 -15.16 -9.99 -13.72
C THR A 143 -15.64 -8.76 -13.01
N TYR A 144 -16.50 -8.97 -12.02
CA TYR A 144 -17.09 -7.88 -11.24
C TYR A 144 -17.10 -8.25 -9.79
N ASP A 145 -16.44 -7.46 -8.96
CA ASP A 145 -16.31 -7.69 -7.52
C ASP A 145 -17.15 -6.61 -6.82
N PRO A 146 -18.35 -6.98 -6.35
CA PRO A 146 -19.21 -5.99 -5.66
C PRO A 146 -18.66 -5.48 -4.37
N THR A 147 -17.58 -6.08 -3.85
CA THR A 147 -17.04 -5.78 -2.50
C THR A 147 -15.89 -4.80 -2.52
N GLY A 148 -15.47 -4.33 -3.71
CA GLY A 148 -14.38 -3.37 -3.74
C GLY A 148 -14.72 -2.06 -3.06
N ALA A 149 -13.72 -1.35 -2.60
CA ALA A 149 -13.94 -0.09 -1.88
C ALA A 149 -12.82 0.88 -2.19
N ASP A 150 -13.14 2.16 -2.10
CA ASP A 150 -12.13 3.21 -2.04
C ASP A 150 -11.79 3.49 -0.59
N ILE A 151 -10.53 3.81 -0.37
CA ILE A 151 -10.00 4.09 0.97
C ILE A 151 -9.73 5.57 1.15
N ASP A 152 -10.20 6.14 2.25
CA ASP A 152 -9.83 7.53 2.60
C ASP A 152 -8.43 7.43 3.23
N THR A 153 -7.42 7.45 2.36
CA THR A 153 -6.08 7.14 2.84
CA THR A 153 -6.07 7.18 2.79
C THR A 153 -5.60 8.20 3.80
N ASP A 154 -5.91 9.47 3.60
CA ASP A 154 -5.41 10.46 4.54
C ASP A 154 -6.06 10.21 5.89
N ALA A 155 -7.35 9.93 5.98
CA ALA A 155 -8.01 9.71 7.26
C ALA A 155 -7.41 8.50 7.95
N LEU A 156 -7.14 7.44 7.18
CA LEU A 156 -6.56 6.22 7.73
C LEU A 156 -5.16 6.49 8.28
N HIS A 157 -4.34 7.10 7.45
CA HIS A 157 -2.95 7.39 7.80
C HIS A 157 -2.88 8.30 9.02
N GLN A 158 -3.62 9.40 8.98
CA GLN A 158 -3.65 10.32 10.11
C GLN A 158 -4.24 9.65 11.33
N GLY A 159 -5.18 8.75 11.18
CA GLY A 159 -5.74 8.03 12.33
C GLY A 159 -4.68 7.20 13.04
N TYR A 160 -3.87 6.50 12.25
CA TYR A 160 -2.77 5.72 12.84
C TYR A 160 -1.82 6.65 13.60
N LEU A 161 -1.41 7.75 12.96
CA LEU A 161 -0.45 8.64 13.55
C LEU A 161 -0.97 9.30 14.85
N ARG A 162 -2.23 9.70 14.79
CA ARG A 162 -2.85 10.30 15.97
C ARG A 162 -2.94 9.30 17.11
N GLY A 163 -3.22 8.03 16.79
CA GLY A 163 -3.26 7.03 17.82
C GLY A 163 -1.90 6.84 18.52
N ILE A 164 -0.82 6.90 17.73
CA ILE A 164 0.51 6.86 18.33
C ILE A 164 0.66 7.97 19.32
N ARG A 165 0.33 9.19 18.93
CA ARG A 165 0.51 10.36 19.78
C ARG A 165 -0.36 10.25 21.04
N ARG A 166 -1.58 9.73 20.90
CA ARG A 166 -2.46 9.61 22.05
C ARG A 166 -1.95 8.60 23.06
N ASN A 167 -1.10 7.68 22.61
CA ASN A 167 -0.40 6.71 23.44
C ASN A 167 1.00 7.18 23.82
N GLN A 168 1.22 8.49 23.80
CA GLN A 168 2.46 9.12 24.24
C GLN A 168 3.63 8.78 23.35
N GLY A 169 3.39 8.24 22.16
CA GLY A 169 4.46 8.07 21.19
C GLY A 169 4.77 9.39 20.52
N GLN A 170 5.90 9.43 19.83
CA GLN A 170 6.36 10.63 19.11
C GLN A 170 6.40 10.31 17.63
N VAL A 171 5.96 11.22 16.81
CA VAL A 171 6.06 11.16 15.35
C VAL A 171 6.87 12.38 14.95
N LEU A 172 8.12 12.14 14.56
CA LEU A 172 9.09 13.23 14.36
C LEU A 172 9.42 13.34 12.89
N CYS A 173 8.90 14.35 12.21
CA CYS A 173 9.29 14.66 10.82
C CYS A 173 10.58 15.44 10.83
N ASN A 174 11.19 15.61 9.67
CA ASN A 174 12.47 16.24 9.56
C ASN A 174 13.54 15.55 10.44
N HIS A 175 13.42 14.25 10.55
CA HIS A 175 14.29 13.38 11.36
C HIS A 175 14.74 12.18 10.51
N GLU A 176 15.40 12.49 9.39
CA GLU A 176 16.03 11.42 8.63
C GLU A 176 17.00 10.66 9.49
N ALA A 177 16.92 9.32 9.44
CA ALA A 177 17.95 8.44 10.05
C ALA A 177 19.18 8.54 9.14
N LEU A 178 20.27 9.12 9.69
CA LEU A 178 21.50 9.34 8.97
C LEU A 178 22.53 8.23 9.19
N GLU A 179 22.54 7.69 10.43
CA GLU A 179 23.47 6.63 10.81
C GLU A 179 22.68 5.72 11.76
N ILE A 180 23.04 4.45 11.73
CA ILE A 180 22.42 3.40 12.58
C ILE A 180 23.53 2.53 13.09
N ARG A 181 23.60 2.30 14.39
CA ARG A 181 24.67 1.51 14.99
C ARG A 181 24.16 0.74 16.17
N ARG A 182 24.68 -0.49 16.40
CA ARG A 182 24.31 -1.26 17.57
C ARG A 182 25.29 -0.77 18.63
N VAL A 183 24.79 -0.14 19.71
CA VAL A 183 25.64 0.47 20.73
C VAL A 183 25.07 0.13 22.10
N ASP A 184 25.86 -0.53 22.95
CA ASP A 184 25.50 -0.82 24.31
C ASP A 184 24.13 -1.50 24.32
N GLY A 185 23.90 -2.53 23.51
CA GLY A 185 22.71 -3.39 23.59
C GLY A 185 21.44 -2.78 23.03
N ALA A 186 21.61 -1.72 22.24
CA ALA A 186 20.46 -1.13 21.62
C ALA A 186 20.87 -0.67 20.21
N TRP A 187 19.84 -0.55 19.37
CA TRP A 187 20.03 0.19 18.12
C TRP A 187 20.00 1.68 18.44
N GLU A 188 21.00 2.38 17.89
CA GLU A 188 21.12 3.84 18.07
C GLU A 188 21.11 4.50 16.70
N VAL A 189 20.12 5.36 16.51
CA VAL A 189 19.93 6.08 15.26
C VAL A 189 20.37 7.51 15.47
N ARG A 190 21.26 8.00 14.60
CA ARG A 190 21.63 9.38 14.58
C ARG A 190 20.81 10.14 13.56
N CYS A 191 20.07 11.15 14.03
CA CYS A 191 19.43 12.15 13.21
C CYS A 191 20.27 13.42 13.33
N ASP A 192 19.88 14.45 12.56
CA ASP A 192 20.79 15.60 12.47
C ASP A 192 20.88 16.42 13.75
N ALA A 193 19.94 16.34 14.67
CA ALA A 193 19.98 17.12 15.91
C ALA A 193 20.27 16.27 17.15
N GLY A 194 20.17 14.98 17.07
CA GLY A 194 20.40 14.10 18.18
C GLY A 194 20.11 12.68 17.79
N SER A 195 20.37 11.77 18.75
CA SER A 195 20.23 10.35 18.56
C SER A 195 19.13 9.76 19.44
N TYR A 196 18.71 8.56 19.00
CA TYR A 196 17.60 7.80 19.54
C TYR A 196 18.05 6.39 19.75
N ARG A 197 17.64 5.76 20.85
CA ARG A 197 18.05 4.42 21.19
C ARG A 197 16.88 3.55 21.57
N ALA A 198 16.88 2.33 21.06
CA ALA A 198 15.88 1.33 21.52
C ALA A 198 16.38 -0.06 21.20
N ALA A 199 15.84 -1.05 21.93
CA ALA A 199 16.21 -2.42 21.61
C ALA A 199 15.72 -2.88 20.25
N VAL A 200 14.67 -2.28 19.73
CA VAL A 200 14.08 -2.64 18.48
C VAL A 200 14.15 -1.49 17.48
N LEU A 201 14.66 -1.79 16.28
CA LEU A 201 14.68 -0.92 15.11
CA LEU A 201 14.63 -0.90 15.15
C LEU A 201 13.64 -1.50 14.16
N VAL A 202 12.58 -0.74 13.90
CA VAL A 202 11.53 -1.13 12.99
C VAL A 202 11.80 -0.39 11.66
N ASN A 203 12.19 -1.17 10.63
CA ASN A 203 12.53 -0.65 9.35
C ASN A 203 11.29 -0.59 8.45
N ALA A 204 10.65 0.55 8.40
CA ALA A 204 9.42 0.78 7.67
C ALA A 204 9.61 1.91 6.62
N ALA A 205 10.78 1.91 5.99
CA ALA A 205 11.22 3.03 5.15
C ALA A 205 10.80 2.93 3.70
N GLY A 206 9.78 2.14 3.39
CA GLY A 206 9.26 2.11 2.01
C GLY A 206 10.29 1.61 1.04
N ALA A 207 10.45 2.35 -0.09
CA ALA A 207 11.42 2.00 -1.09
C ALA A 207 12.87 2.03 -0.57
N TRP A 208 13.08 2.68 0.59
CA TRP A 208 14.40 2.84 1.19
C TRP A 208 14.71 1.77 2.23
N CYS A 209 13.87 0.73 2.38
CA CYS A 209 14.20 -0.23 3.45
C CYS A 209 15.56 -0.87 3.28
N ASP A 210 16.00 -1.20 2.08
CA ASP A 210 17.34 -1.77 1.97
C ASP A 210 18.43 -0.77 2.26
N ALA A 211 18.19 0.52 1.96
CA ALA A 211 19.13 1.55 2.31
C ALA A 211 19.32 1.64 3.82
N ILE A 212 18.23 1.54 4.60
CA ILE A 212 18.29 1.52 6.03
C ILE A 212 19.10 0.33 6.53
N ALA A 213 18.88 -0.86 5.95
CA ALA A 213 19.70 -2.02 6.29
C ALA A 213 21.17 -1.72 6.03
N GLY A 214 21.45 -1.01 4.95
CA GLY A 214 22.82 -0.65 4.60
C GLY A 214 23.46 0.22 5.65
N LEU A 215 22.74 1.19 6.23
CA LEU A 215 23.26 1.99 7.31
C LEU A 215 23.62 1.12 8.51
N ALA A 216 22.80 0.10 8.77
CA ALA A 216 22.89 -0.74 9.95
C ALA A 216 23.85 -1.90 9.80
N GLY A 217 24.33 -2.20 8.58
CA GLY A 217 25.15 -3.36 8.34
C GLY A 217 24.39 -4.69 8.36
N VAL A 218 23.10 -4.66 7.99
CA VAL A 218 22.23 -5.79 7.97
C VAL A 218 22.01 -6.23 6.53
N ARG A 219 22.03 -7.51 6.25
CA ARG A 219 21.88 -7.99 4.86
C ARG A 219 20.54 -7.53 4.31
N PRO A 220 20.52 -6.90 3.14
CA PRO A 220 19.24 -6.43 2.60
C PRO A 220 18.43 -7.53 1.98
N LEU A 221 17.18 -7.17 1.61
CA LEU A 221 16.26 -8.16 1.08
C LEU A 221 16.26 -8.26 -0.43
N GLY A 222 16.85 -7.30 -1.10
CA GLY A 222 16.72 -7.27 -2.57
C GLY A 222 15.48 -6.56 -3.04
N LEU A 223 15.06 -5.52 -2.33
CA LEU A 223 13.85 -4.76 -2.65
C LEU A 223 14.03 -4.01 -3.94
N GLN A 224 13.03 -4.10 -4.82
CA GLN A 224 13.00 -3.42 -6.11
C GLN A 224 11.85 -2.44 -6.17
N PRO A 225 12.15 -1.16 -6.07
CA PRO A 225 11.10 -0.15 -6.31
C PRO A 225 10.71 -0.15 -7.76
N LYS A 226 9.41 0.08 -8.02
CA LYS A 226 8.89 0.14 -9.37
C LYS A 226 7.96 1.34 -9.51
N ARG A 227 8.21 2.18 -10.52
CA ARG A 227 7.40 3.37 -10.76
C ARG A 227 6.05 3.01 -11.35
N ARG A 228 5.03 3.66 -10.79
CA ARG A 228 3.71 3.69 -11.38
C ARG A 228 3.24 5.13 -11.41
N SER A 229 2.84 5.63 -12.61
CA SER A 229 2.28 6.95 -12.74
C SER A 229 0.75 6.90 -12.79
N ALA A 230 0.14 8.02 -12.49
CA ALA A 230 -1.31 8.20 -12.54
C ALA A 230 -1.60 9.67 -12.82
N PHE A 231 -2.86 9.91 -13.23
CA PHE A 231 -3.27 11.27 -13.57
C PHE A 231 -4.75 11.41 -13.34
N ILE A 232 -5.17 12.67 -13.11
CA ILE A 232 -6.56 13.04 -12.94
C ILE A 232 -6.97 13.93 -14.11
N PHE A 233 -8.12 13.65 -14.70
CA PHE A 233 -8.64 14.41 -15.81
C PHE A 233 -10.14 14.56 -15.67
N ALA A 234 -10.66 15.56 -16.39
CA ALA A 234 -12.10 15.84 -16.37
C ALA A 234 -12.86 14.93 -17.32
N PRO A 235 -14.04 14.49 -16.90
CA PRO A 235 -14.90 13.73 -17.85
C PRO A 235 -15.45 14.70 -18.87
N PRO A 236 -15.77 14.17 -20.06
CA PRO A 236 -16.42 14.96 -21.09
C PRO A 236 -17.74 15.53 -20.62
N PRO A 237 -18.14 16.65 -21.18
CA PRO A 237 -19.45 17.18 -20.82
C PRO A 237 -20.53 16.13 -21.02
N GLY A 238 -21.52 15.97 -20.13
CA GLY A 238 -22.51 14.94 -20.45
C GLY A 238 -22.26 13.49 -20.05
N ILE A 239 -21.02 13.13 -19.66
CA ILE A 239 -20.61 11.80 -19.15
C ILE A 239 -20.76 11.81 -17.60
N ASP A 240 -21.85 11.27 -16.88
N ASP A 240 -21.74 10.87 -17.29
CA ASP A 240 -21.90 11.19 -15.41
CA ASP A 240 -22.13 10.74 -15.87
C ASP A 240 -21.39 9.89 -14.99
C ASP A 240 -21.32 9.60 -15.23
N CYS A 241 -20.10 9.94 -14.76
CA CYS A 241 -19.26 8.84 -14.38
C CYS A 241 -19.05 8.67 -12.86
N HIS A 242 -19.73 9.45 -12.01
CA HIS A 242 -19.44 9.45 -10.61
C HIS A 242 -19.51 8.09 -9.94
N ASP A 243 -20.42 7.25 -10.39
CA ASP A 243 -20.69 5.96 -9.77
C ASP A 243 -20.08 4.80 -10.53
N TRP A 244 -19.25 5.03 -11.55
CA TRP A 244 -18.63 3.90 -12.21
C TRP A 244 -17.74 3.11 -11.24
N PRO A 245 -17.60 1.82 -11.49
CA PRO A 245 -16.62 1.01 -10.70
C PRO A 245 -15.22 1.40 -11.08
N MET A 246 -14.23 0.92 -10.32
CA MET A 246 -12.88 0.90 -10.82
CA MET A 246 -12.86 0.82 -10.75
C MET A 246 -12.83 -0.10 -11.98
N LEU A 247 -12.28 0.34 -13.07
CA LEU A 247 -12.14 -0.41 -14.31
CA LEU A 247 -12.14 -0.43 -14.31
C LEU A 247 -10.66 -0.71 -14.51
N VAL A 248 -10.31 -1.98 -14.61
CA VAL A 248 -8.93 -2.41 -14.82
CA VAL A 248 -8.91 -2.33 -14.90
C VAL A 248 -8.89 -3.37 -16.01
N SER A 249 -7.89 -3.27 -16.88
CA SER A 249 -7.81 -4.33 -17.90
CA SER A 249 -7.67 -4.28 -17.91
C SER A 249 -7.23 -5.62 -17.34
N LEU A 250 -7.60 -6.71 -17.96
CA LEU A 250 -7.24 -8.06 -17.48
C LEU A 250 -5.76 -8.30 -17.36
N ASP A 251 -4.99 -7.66 -18.23
CA ASP A 251 -3.51 -7.75 -18.18
C ASP A 251 -2.88 -6.54 -17.48
N GLU A 252 -3.65 -5.77 -16.74
CA GLU A 252 -3.15 -4.68 -15.89
C GLU A 252 -2.39 -3.69 -16.75
N SER A 253 -2.87 -3.47 -17.96
CA SER A 253 -2.29 -2.46 -18.84
C SER A 253 -2.79 -1.06 -18.60
N PHE A 254 -3.93 -0.88 -17.96
CA PHE A 254 -4.38 0.46 -17.55
C PHE A 254 -5.48 0.25 -16.52
N TYR A 255 -5.80 1.34 -15.82
CA TYR A 255 -7.04 1.42 -15.07
C TYR A 255 -7.61 2.84 -15.12
N LEU A 256 -8.86 2.91 -14.72
CA LEU A 256 -9.69 4.10 -14.78
C LEU A 256 -10.67 4.04 -13.64
N LYS A 257 -10.77 5.09 -12.83
CA LYS A 257 -11.72 5.09 -11.71
C LYS A 257 -12.19 6.46 -11.43
N PRO A 258 -13.44 6.67 -11.05
CA PRO A 258 -13.85 8.01 -10.60
C PRO A 258 -13.10 8.42 -9.36
N ASP A 259 -12.86 9.74 -9.26
CA ASP A 259 -12.28 10.34 -8.07
C ASP A 259 -13.03 11.64 -7.90
N ALA A 260 -13.98 11.61 -6.94
CA ALA A 260 -14.98 12.65 -6.75
C ALA A 260 -15.69 12.79 -8.12
N GLY A 261 -15.60 13.97 -8.66
CA GLY A 261 -16.19 14.40 -9.89
C GLY A 261 -15.25 14.32 -11.10
N MET A 262 -14.06 13.81 -10.91
CA MET A 262 -13.07 13.62 -11.90
C MET A 262 -12.81 12.14 -12.20
N LEU A 263 -11.88 11.88 -13.08
CA LEU A 263 -11.44 10.54 -13.40
C LEU A 263 -9.95 10.40 -13.15
N LEU A 264 -9.59 9.30 -12.52
CA LEU A 264 -8.20 8.89 -12.33
CA LEU A 264 -8.23 8.85 -12.30
C LEU A 264 -7.88 7.82 -13.40
N GLY A 265 -6.82 8.04 -14.11
CA GLY A 265 -6.30 7.08 -15.05
C GLY A 265 -4.89 6.69 -14.76
N SER A 266 -4.45 5.56 -15.26
CA SER A 266 -3.09 5.11 -15.09
C SER A 266 -2.74 4.07 -16.13
N PRO A 267 -1.49 4.07 -16.60
CA PRO A 267 -0.99 2.92 -17.39
C PRO A 267 -0.62 1.73 -16.52
N ALA A 268 -0.80 1.80 -15.20
CA ALA A 268 -0.62 0.68 -14.30
C ALA A 268 0.79 0.07 -14.47
N ASN A 269 1.78 0.92 -14.61
CA ASN A 269 3.14 0.51 -14.91
C ASN A 269 3.91 0.08 -13.64
N ALA A 270 5.05 -0.53 -13.93
CA ALA A 270 5.91 -1.13 -12.91
C ALA A 270 7.34 -1.10 -13.40
N ASP A 271 7.79 0.12 -13.72
CA ASP A 271 9.14 0.29 -14.31
C ASP A 271 10.17 0.33 -13.20
N PRO A 272 11.15 -0.56 -13.19
CA PRO A 272 12.11 -0.65 -12.08
C PRO A 272 13.01 0.54 -12.03
N VAL A 273 13.14 1.13 -10.85
CA VAL A 273 13.90 2.33 -10.62
C VAL A 273 14.51 2.25 -9.22
N GLU A 274 15.49 3.12 -8.97
CA GLU A 274 16.07 3.23 -7.62
C GLU A 274 15.09 4.01 -6.73
N ALA A 275 15.24 3.85 -5.43
CA ALA A 275 14.48 4.68 -4.49
C ALA A 275 14.85 6.15 -4.65
N HIS A 276 13.85 7.02 -4.85
CA HIS A 276 14.06 8.43 -5.02
C HIS A 276 12.64 9.08 -4.97
N ASP A 277 12.64 10.41 -5.00
CA ASP A 277 11.38 11.18 -5.11
C ASP A 277 10.92 11.13 -6.56
N VAL A 278 10.15 10.12 -6.89
CA VAL A 278 9.86 9.79 -8.28
C VAL A 278 8.82 10.74 -8.87
N GLN A 279 9.08 11.10 -10.14
CA GLN A 279 8.23 11.96 -10.93
C GLN A 279 7.58 11.18 -12.05
N PRO A 280 6.42 11.63 -12.48
CA PRO A 280 5.78 10.97 -13.63
C PRO A 280 6.62 11.15 -14.85
N GLU A 281 6.65 10.13 -15.71
CA GLU A 281 7.28 10.21 -17.04
C GLU A 281 6.23 10.49 -18.09
N GLN A 282 6.58 11.36 -19.05
CA GLN A 282 5.63 11.68 -20.11
C GLN A 282 5.16 10.43 -20.83
N LEU A 283 6.05 9.47 -21.09
CA LEU A 283 5.62 8.27 -21.83
C LEU A 283 4.61 7.48 -21.00
N ASP A 284 4.73 7.51 -19.65
CA ASP A 284 3.75 6.83 -18.84
C ASP A 284 2.38 7.44 -19.04
N ILE A 285 2.31 8.76 -18.90
CA ILE A 285 1.02 9.49 -18.99
C ILE A 285 0.41 9.32 -20.39
N ALA A 286 1.24 9.51 -21.41
CA ALA A 286 0.75 9.35 -22.79
C ALA A 286 0.23 7.96 -23.03
N THR A 287 0.88 6.95 -22.54
CA THR A 287 0.46 5.58 -22.76
C THR A 287 -0.90 5.35 -22.07
N GLY A 288 -1.04 5.78 -20.82
CA GLY A 288 -2.32 5.56 -20.15
C GLY A 288 -3.46 6.29 -20.87
N MET A 289 -3.20 7.51 -21.31
CA MET A 289 -4.25 8.22 -22.05
C MET A 289 -4.61 7.52 -23.34
N TYR A 290 -3.57 7.09 -24.06
CA TYR A 290 -3.79 6.37 -25.33
C TYR A 290 -4.67 5.17 -25.11
N LEU A 291 -4.35 4.37 -24.11
CA LEU A 291 -5.10 3.12 -23.90
C LEU A 291 -6.52 3.41 -23.51
N ILE A 292 -6.76 4.39 -22.68
CA ILE A 292 -8.12 4.77 -22.31
C ILE A 292 -8.91 5.25 -23.53
N GLU A 293 -8.26 6.08 -24.39
CA GLU A 293 -8.94 6.58 -25.59
C GLU A 293 -9.19 5.46 -26.62
N GLU A 294 -8.44 4.35 -26.54
CA GLU A 294 -8.67 3.22 -27.43
C GLU A 294 -9.77 2.30 -26.93
N ALA A 295 -9.83 2.12 -25.60
CA ALA A 295 -10.78 1.22 -24.96
C ALA A 295 -12.18 1.83 -24.81
N THR A 296 -12.27 3.15 -24.82
CA THR A 296 -13.47 3.89 -24.56
C THR A 296 -13.69 5.00 -25.55
N THR A 297 -14.85 5.65 -25.45
CA THR A 297 -15.15 6.83 -26.24
C THR A 297 -14.62 8.09 -25.65
N LEU A 298 -14.04 8.13 -24.47
CA LEU A 298 -13.49 9.26 -23.82
C LEU A 298 -12.38 9.90 -24.64
N THR A 299 -12.37 11.22 -24.56
CA THR A 299 -11.22 11.98 -25.07
C THR A 299 -10.66 12.75 -23.87
N ILE A 300 -9.36 12.78 -23.75
CA ILE A 300 -8.68 13.36 -22.60
C ILE A 300 -7.90 14.60 -23.02
N ARG A 301 -8.38 15.75 -22.59
CA ARG A 301 -7.89 17.06 -23.02
C ARG A 301 -6.53 17.38 -22.47
N ARG A 302 -6.41 17.37 -21.15
CA ARG A 302 -5.23 17.75 -20.31
C ARG A 302 -5.38 17.68 -18.80
N PRO A 303 -4.45 16.90 -18.27
CA PRO A 303 -4.64 16.46 -16.90
C PRO A 303 -4.62 17.62 -15.91
N GLU A 304 -5.40 17.48 -14.87
CA GLU A 304 -5.33 18.45 -13.77
C GLU A 304 -4.18 18.16 -12.84
N HIS A 305 -3.85 16.87 -12.67
CA HIS A 305 -2.82 16.38 -11.79
C HIS A 305 -2.13 15.21 -12.48
N THR A 306 -0.83 15.10 -12.31
CA THR A 306 -0.07 13.92 -12.64
C THR A 306 0.90 13.64 -11.49
N TRP A 307 1.23 12.36 -11.29
CA TRP A 307 2.20 12.02 -10.30
C TRP A 307 2.69 10.60 -10.59
N ALA A 308 3.71 10.19 -9.86
CA ALA A 308 4.15 8.80 -9.86
C ALA A 308 4.56 8.44 -8.44
N GLY A 309 4.47 7.15 -8.12
CA GLY A 309 5.00 6.65 -6.86
C GLY A 309 5.66 5.35 -7.04
N LEU A 310 6.26 4.86 -5.94
CA LEU A 310 7.00 3.61 -5.93
C LEU A 310 6.23 2.49 -5.27
N ARG A 311 6.11 1.37 -5.98
CA ARG A 311 5.57 0.11 -5.47
C ARG A 311 6.77 -0.82 -5.40
N SER A 312 7.14 -1.22 -4.18
CA SER A 312 8.41 -1.91 -3.95
C SER A 312 8.21 -3.34 -3.54
N PHE A 313 8.96 -4.23 -4.24
CA PHE A 313 8.72 -5.69 -4.14
C PHE A 313 10.01 -6.43 -3.85
N VAL A 314 9.86 -7.57 -3.17
CA VAL A 314 10.89 -8.59 -3.14
C VAL A 314 10.52 -9.66 -4.15
N ALA A 315 11.43 -10.66 -4.29
CA ALA A 315 11.35 -11.51 -5.46
C ALA A 315 10.06 -12.31 -5.55
N ASP A 316 9.44 -12.69 -4.44
CA ASP A 316 8.25 -13.54 -4.48
C ASP A 316 6.97 -12.75 -4.47
N GLY A 317 7.03 -11.41 -4.44
CA GLY A 317 5.80 -10.60 -4.45
C GLY A 317 5.07 -10.51 -3.15
N ASP A 318 5.54 -11.14 -2.09
CA ASP A 318 4.87 -11.13 -0.79
C ASP A 318 5.46 -10.03 0.11
N LEU A 319 4.66 -9.56 1.06
CA LEU A 319 5.11 -8.57 2.02
C LEU A 319 6.02 -9.26 3.02
N VAL A 320 6.77 -8.41 3.76
CA VAL A 320 7.71 -8.88 4.78
C VAL A 320 7.40 -8.20 6.12
N ALA A 321 7.14 -9.00 7.14
CA ALA A 321 7.04 -8.50 8.50
C ALA A 321 7.77 -9.52 9.38
N GLY A 322 8.97 -9.26 9.79
CA GLY A 322 9.69 -10.16 10.67
C GLY A 322 11.06 -9.68 11.04
N TYR A 323 11.57 -10.23 12.12
CA TYR A 323 12.92 -9.95 12.53
C TYR A 323 13.92 -10.52 11.52
N ALA A 324 14.98 -9.77 11.27
CA ALA A 324 16.09 -10.18 10.44
C ALA A 324 16.80 -11.37 11.05
N ALA A 325 17.12 -12.34 10.23
CA ALA A 325 17.96 -13.44 10.76
C ALA A 325 19.27 -12.92 11.29
N ASN A 326 19.79 -13.36 12.43
N ASN A 326 19.66 -13.30 12.50
CA ASN A 326 21.15 -13.01 12.85
CA ASN A 326 20.99 -12.98 13.01
C ASN A 326 21.39 -11.49 12.93
C ASN A 326 21.33 -11.52 13.20
N ALA A 327 20.34 -10.66 13.17
CA ALA A 327 20.51 -9.24 13.44
C ALA A 327 19.51 -8.85 14.52
N GLU A 328 19.91 -9.11 15.77
CA GLU A 328 18.99 -8.97 16.88
C GLU A 328 18.34 -7.62 16.90
N GLY A 329 17.05 -7.58 17.07
CA GLY A 329 16.32 -6.36 17.22
C GLY A 329 15.98 -5.60 15.96
N PHE A 330 16.41 -6.07 14.80
CA PHE A 330 16.15 -5.36 13.53
C PHE A 330 14.96 -6.03 12.87
N PHE A 331 13.85 -5.25 12.76
CA PHE A 331 12.55 -5.81 12.29
C PHE A 331 12.18 -5.15 10.99
N TRP A 332 11.97 -5.97 9.95
CA TRP A 332 11.57 -5.53 8.64
C TRP A 332 10.07 -5.36 8.52
N VAL A 333 9.61 -4.22 8.03
CA VAL A 333 8.19 -4.00 7.68
C VAL A 333 8.26 -3.47 6.26
N ALA A 334 8.31 -4.40 5.27
CA ALA A 334 8.82 -4.04 3.93
C ALA A 334 8.03 -4.75 2.84
N ALA A 335 8.35 -4.33 1.60
CA ALA A 335 7.86 -5.01 0.41
C ALA A 335 6.34 -4.96 0.30
N GLN A 336 5.80 -3.77 0.62
CA GLN A 336 4.37 -3.50 0.56
C GLN A 336 3.85 -3.56 -0.90
N GLY A 337 4.73 -3.45 -1.89
CA GLY A 337 4.31 -3.65 -3.27
C GLY A 337 3.22 -2.68 -3.62
N GLY A 338 2.20 -3.20 -4.31
CA GLY A 338 1.06 -2.45 -4.73
C GLY A 338 -0.11 -2.48 -3.74
N TYR A 339 0.17 -2.77 -2.48
CA TYR A 339 -0.86 -3.22 -1.57
C TYR A 339 -0.76 -2.62 -0.20
N GLY A 340 0.10 -1.64 0.00
CA GLY A 340 0.40 -1.22 1.37
C GLY A 340 -0.73 -0.57 2.10
N ILE A 341 -1.63 0.13 1.39
CA ILE A 341 -2.74 0.74 2.08
C ILE A 341 -3.76 -0.32 2.52
N GLN A 342 -4.20 -1.14 1.57
CA GLN A 342 -5.24 -2.12 1.80
C GLN A 342 -4.86 -3.25 2.73
N THR A 343 -3.55 -3.48 2.94
CA THR A 343 -3.07 -4.49 3.88
C THR A 343 -2.63 -3.88 5.22
N SER A 344 -2.78 -2.57 5.39
CA SER A 344 -2.09 -1.93 6.52
C SER A 344 -2.61 -2.33 7.87
N ALA A 345 -3.91 -2.56 8.01
CA ALA A 345 -4.41 -2.92 9.35
C ALA A 345 -3.83 -4.27 9.78
N ALA A 346 -3.87 -5.29 8.88
CA ALA A 346 -3.31 -6.58 9.22
C ALA A 346 -1.82 -6.52 9.39
N MET A 347 -1.14 -5.83 8.50
CA MET A 347 0.32 -5.72 8.62
C MET A 347 0.70 -4.98 9.90
N GLY A 348 0.02 -3.92 10.26
CA GLY A 348 0.34 -3.16 11.45
C GLY A 348 0.16 -4.04 12.69
N GLU A 349 -0.97 -4.73 12.76
CA GLU A 349 -1.26 -5.57 13.90
C GLU A 349 -0.35 -6.77 13.99
N ALA A 350 -0.06 -7.43 12.84
CA ALA A 350 0.81 -8.58 12.83
C ALA A 350 2.25 -8.20 13.18
N SER A 351 2.75 -7.16 12.55
CA SER A 351 4.11 -6.74 12.80
CA SER A 351 4.09 -6.65 12.81
C SER A 351 4.29 -6.31 14.27
N ALA A 352 3.37 -5.58 14.84
CA ALA A 352 3.51 -5.17 16.23
C ALA A 352 3.51 -6.40 17.15
N ALA A 353 2.63 -7.36 16.91
CA ALA A 353 2.59 -8.58 17.71
C ALA A 353 3.93 -9.31 17.65
N LEU A 354 4.46 -9.47 16.41
CA LEU A 354 5.73 -10.18 16.24
C LEU A 354 6.88 -9.42 16.85
N ILE A 355 6.90 -8.10 16.73
CA ILE A 355 7.97 -7.32 17.38
C ILE A 355 7.99 -7.61 18.87
N ARG A 356 6.79 -7.70 19.46
CA ARG A 356 6.60 -7.93 20.89
C ARG A 356 6.67 -9.41 21.24
N HIS A 357 7.07 -10.31 20.32
CA HIS A 357 7.22 -11.72 20.61
C HIS A 357 5.91 -12.35 21.02
N GLN A 358 4.79 -11.82 20.56
CA GLN A 358 3.50 -12.38 20.78
C GLN A 358 3.02 -13.21 19.60
N PRO A 359 2.16 -14.17 19.84
CA PRO A 359 1.54 -14.86 18.71
C PRO A 359 0.69 -13.90 17.88
N LEU A 360 0.47 -14.25 16.61
CA LEU A 360 -0.47 -13.45 15.84
C LEU A 360 -1.87 -13.58 16.43
N PRO A 361 -2.61 -12.50 16.52
CA PRO A 361 -4.00 -12.55 16.97
C PRO A 361 -4.84 -13.58 16.23
N ALA A 362 -5.82 -14.23 16.85
CA ALA A 362 -6.62 -15.24 16.21
C ALA A 362 -7.19 -14.81 14.86
N HIS A 363 -7.64 -13.55 14.78
CA HIS A 363 -8.47 -13.20 13.62
C HIS A 363 -7.57 -13.18 12.39
N LEU A 364 -6.28 -12.88 12.70
CA LEU A 364 -5.32 -12.91 11.60
C LEU A 364 -5.02 -14.35 11.20
N ARG A 365 -4.81 -15.22 12.18
CA ARG A 365 -4.51 -16.62 11.97
C ARG A 365 -5.62 -17.29 11.15
N GLU A 366 -6.86 -16.88 11.43
CA GLU A 366 -8.08 -17.44 10.84
C GLU A 366 -8.15 -17.06 9.37
N HIS A 367 -7.42 -16.01 8.96
CA HIS A 367 -7.32 -15.68 7.52
C HIS A 367 -6.20 -16.40 6.78
N GLY A 368 -5.52 -17.30 7.47
CA GLY A 368 -4.44 -18.14 7.07
C GLY A 368 -3.08 -17.44 7.00
N LEU A 369 -2.80 -16.51 7.89
CA LEU A 369 -1.51 -15.86 8.07
C LEU A 369 -0.77 -16.59 9.19
N ASP A 370 0.52 -16.63 9.11
CA ASP A 370 1.37 -17.16 10.16
C ASP A 370 2.68 -16.40 10.03
N GLU A 371 3.48 -16.62 11.06
CA GLU A 371 4.75 -15.98 11.18
C GLU A 371 5.66 -16.30 9.99
N ALA A 372 5.71 -17.56 9.55
CA ALA A 372 6.70 -17.96 8.56
C ALA A 372 6.44 -17.31 7.22
N MET A 373 5.17 -17.16 6.87
CA MET A 373 4.84 -16.59 5.54
CA MET A 373 4.86 -16.59 5.55
C MET A 373 5.14 -15.09 5.51
N LEU A 374 5.26 -14.47 6.67
CA LEU A 374 5.62 -13.03 6.76
C LEU A 374 7.11 -12.81 6.89
N SER A 375 7.88 -13.81 7.31
CA SER A 375 9.28 -13.61 7.67
C SER A 375 10.20 -13.36 6.49
N PRO A 376 11.24 -12.55 6.67
CA PRO A 376 12.23 -12.39 5.60
C PRO A 376 13.05 -13.68 5.35
N ARG A 377 13.05 -14.59 6.29
CA ARG A 377 13.72 -15.89 6.19
C ARG A 377 13.24 -16.70 4.99
N ARG A 378 12.03 -16.45 4.54
CA ARG A 378 11.60 -17.25 3.40
C ARG A 378 12.32 -16.88 2.14
N LEU A 379 12.98 -15.74 2.06
CA LEU A 379 13.58 -15.34 0.77
C LEU A 379 14.84 -16.11 0.49
N SER A 380 15.32 -16.79 1.56
CA SER A 380 16.45 -17.68 1.39
C SER A 380 16.26 -19.15 1.73
N PRO A 381 17.05 -20.01 1.10
CA PRO A 381 17.35 -21.37 1.57
C PRO A 381 18.77 -21.33 2.13
#